data_1AX0
#
_entry.id   1AX0
#
_cell.length_a   84.220
_cell.length_b   72.980
_cell.length_c   71.260
_cell.angle_alpha   90.00
_cell.angle_beta   113.33
_cell.angle_gamma   90.00
#
_symmetry.space_group_name_H-M   'C 1 2 1'
#
loop_
_entity.id
_entity.type
_entity.pdbx_description
1 polymer LECTIN
2 branched beta-D-xylopyranose-(1-2)-[alpha-D-mannopyranose-(1-3)][alpha-D-mannopyranose-(1-6)]beta-D-mannopyranose-(1-4)-2-acetamido-2-deoxy-beta-D-glucopyranose-(1-4)-[alpha-L-fucopyranose-(1-3)]2-acetamido-2-deoxy-beta-D-glucopyranose
3 non-polymer 2-acetamido-2-deoxy-alpha-D-galactopyranose
4 non-polymer 'MANGANESE (II) ION'
5 non-polymer 'CALCIUM ION'
6 water water
#
_entity_poly.entity_id   1
_entity_poly.type   'polypeptide(L)'
_entity_poly.pdbx_seq_one_letter_code
;VETISFSFSEFEPGNDNLTLQGAALITQSGVLQLTKINQNGMPAWDSTGRTLYAKPVHIWDMTTGTVASFETRFSFSIEQ
PYTRPLPADGLVFFMGPTKSKPAQGYGYLGIFNNSKQDNSYQTLGVEFDTFSNPWDPPQVPHIGIDVNSIRSIKTQPFQL
DNGQVANVVIKYDASSKILHAVLVYPSSGAIYTIAEIVDVKQVLPEWVDVGLSGATGAQRDAAETHDVYSWSFQASLPE
;
_entity_poly.pdbx_strand_id   A
#
loop_
_chem_comp.id
_chem_comp.type
_chem_comp.name
_chem_comp.formula
A2G D-saccharide, alpha linking 2-acetamido-2-deoxy-alpha-D-galactopyranose 'C8 H15 N O6'
BMA D-saccharide, beta linking beta-D-mannopyranose 'C6 H12 O6'
CA non-polymer 'CALCIUM ION' 'Ca 2'
FUC L-saccharide, alpha linking alpha-L-fucopyranose 'C6 H12 O5'
MAN D-saccharide, alpha linking alpha-D-mannopyranose 'C6 H12 O6'
MN non-polymer 'MANGANESE (II) ION' 'Mn 2'
NAG D-saccharide, beta linking 2-acetamido-2-deoxy-beta-D-glucopyranose 'C8 H15 N O6'
XYP D-saccharide, beta linking beta-D-xylopyranose 'C5 H10 O5'
#
# COMPACT_ATOMS: atom_id res chain seq x y z
N VAL A 1 5.38 -21.61 17.12
CA VAL A 1 4.85 -20.66 16.09
C VAL A 1 5.43 -19.26 16.29
N GLU A 2 5.87 -18.65 15.20
CA GLU A 2 6.44 -17.31 15.25
C GLU A 2 5.38 -16.30 14.83
N THR A 3 4.94 -15.49 15.78
CA THR A 3 3.92 -14.48 15.52
C THR A 3 4.46 -13.07 15.71
N ILE A 4 3.86 -12.13 14.98
CA ILE A 4 4.23 -10.73 15.07
C ILE A 4 2.96 -9.94 14.81
N SER A 5 2.76 -8.87 15.56
CA SER A 5 1.57 -8.05 15.38
C SER A 5 1.76 -6.64 15.92
N PHE A 6 1.02 -5.72 15.32
CA PHE A 6 1.05 -4.33 15.73
C PHE A 6 -0.30 -3.70 15.41
N SER A 7 -0.66 -2.67 16.15
CA SER A 7 -1.92 -2.00 15.93
C SER A 7 -1.81 -0.54 16.30
N PHE A 8 -2.01 0.33 15.32
CA PHE A 8 -1.96 1.76 15.52
C PHE A 8 -3.37 2.30 15.27
N SER A 9 -4.11 2.59 16.34
CA SER A 9 -5.46 3.13 16.23
C SER A 9 -5.37 4.57 15.75
N GLU A 10 -4.18 5.16 15.95
CA GLU A 10 -3.85 6.52 15.54
C GLU A 10 -2.33 6.56 15.53
N PHE A 11 -1.76 7.57 14.91
CA PHE A 11 -0.30 7.69 14.85
C PHE A 11 0.22 8.80 15.74
N GLU A 12 1.26 8.50 16.50
CA GLU A 12 1.86 9.49 17.40
C GLU A 12 3.20 9.97 16.85
N PRO A 13 3.37 11.29 16.71
CA PRO A 13 4.63 11.85 16.19
C PRO A 13 5.79 11.43 17.10
N GLY A 14 6.94 11.13 16.48
CA GLY A 14 8.09 10.73 17.25
C GLY A 14 8.24 9.25 17.57
N ASN A 15 7.18 8.47 17.39
N ASN A 15 7.21 8.48 17.26
CA ASN A 15 7.29 7.05 17.70
CA ASN A 15 7.14 7.01 17.46
C ASN A 15 8.43 6.46 16.88
C ASN A 15 8.26 6.25 16.73
N ASP A 16 9.04 5.43 17.44
CA ASP A 16 10.15 4.73 16.80
C ASP A 16 9.82 3.33 16.25
N ASN A 17 8.54 3.03 16.11
CA ASN A 17 8.11 1.76 15.56
C ASN A 17 7.81 1.83 14.08
N LEU A 18 7.88 3.05 13.54
CA LEU A 18 7.65 3.29 12.13
C LEU A 18 8.82 4.02 11.51
N THR A 19 9.20 3.60 10.31
CA THR A 19 10.28 4.22 9.56
C THR A 19 9.64 5.07 8.48
N LEU A 20 9.77 6.39 8.60
CA LEU A 20 9.20 7.31 7.62
C LEU A 20 10.23 7.59 6.54
N GLN A 21 9.82 7.50 5.28
CA GLN A 21 10.70 7.75 4.16
C GLN A 21 10.10 8.76 3.20
N GLY A 22 10.96 9.50 2.51
CA GLY A 22 10.48 10.50 1.57
C GLY A 22 9.67 11.59 2.23
N ALA A 23 8.51 11.90 1.66
CA ALA A 23 7.64 12.95 2.17
C ALA A 23 6.73 12.58 3.34
N ALA A 24 6.66 11.29 3.68
CA ALA A 24 5.80 10.81 4.76
C ALA A 24 5.98 11.57 6.08
N LEU A 25 4.86 11.96 6.68
CA LEU A 25 4.88 12.71 7.92
C LEU A 25 3.67 12.39 8.80
N ILE A 26 3.88 12.37 10.11
CA ILE A 26 2.80 12.13 11.06
C ILE A 26 2.44 13.49 11.67
N THR A 27 1.19 13.89 11.53
CA THR A 27 0.73 15.18 12.05
C THR A 27 0.43 15.13 13.55
N GLN A 28 0.25 16.30 14.15
CA GLN A 28 -0.07 16.43 15.56
C GLN A 28 -1.45 15.85 15.85
N SER A 29 -2.28 15.79 14.81
CA SER A 29 -3.64 15.26 14.93
C SER A 29 -3.66 13.73 14.85
N GLY A 30 -2.47 13.12 14.68
CA GLY A 30 -2.37 11.68 14.62
C GLY A 30 -2.60 11.03 13.26
N VAL A 31 -2.53 11.82 12.20
CA VAL A 31 -2.73 11.33 10.84
C VAL A 31 -1.41 11.11 10.11
N LEU A 32 -1.33 10.01 9.36
CA LEU A 32 -0.13 9.70 8.59
C LEU A 32 -0.36 10.23 7.18
N GLN A 33 0.31 11.32 6.83
CA GLN A 33 0.20 11.91 5.51
C GLN A 33 1.35 11.35 4.67
N LEU A 34 1.04 10.38 3.80
CA LEU A 34 2.05 9.76 2.96
C LEU A 34 2.69 10.73 1.97
N THR A 35 1.86 11.57 1.36
CA THR A 35 2.38 12.55 0.41
C THR A 35 2.19 13.98 0.93
N LYS A 36 3.06 14.86 0.48
CA LYS A 36 3.08 16.26 0.93
C LYS A 36 1.82 17.10 0.73
N ILE A 37 1.51 17.88 1.76
CA ILE A 37 0.38 18.80 1.76
C ILE A 37 1.04 20.17 1.95
N ASN A 38 0.84 21.08 0.99
CA ASN A 38 1.43 22.41 1.08
C ASN A 38 0.84 23.24 2.21
N GLN A 39 1.45 24.39 2.49
CA GLN A 39 0.99 25.28 3.55
C GLN A 39 -0.44 25.80 3.32
N ASN A 40 -0.84 25.84 2.05
CA ASN A 40 -2.18 26.28 1.67
C ASN A 40 -3.22 25.18 1.84
N GLY A 41 -2.76 24.02 2.34
CA GLY A 41 -3.66 22.89 2.56
C GLY A 41 -3.95 22.02 1.35
N MET A 42 -3.34 22.32 0.22
CA MET A 42 -3.53 21.57 -1.02
C MET A 42 -2.43 20.51 -1.19
N PRO A 43 -2.78 19.35 -1.78
CA PRO A 43 -1.78 18.30 -1.99
C PRO A 43 -0.73 18.71 -3.04
N ALA A 44 0.53 18.39 -2.78
CA ALA A 44 1.60 18.74 -3.70
C ALA A 44 1.89 17.63 -4.71
N TRP A 45 2.16 18.01 -5.94
CA TRP A 45 2.51 17.05 -6.98
C TRP A 45 3.99 16.70 -6.82
N ASP A 46 4.46 15.68 -7.53
CA ASP A 46 5.86 15.26 -7.48
C ASP A 46 6.28 14.91 -6.04
N SER A 47 5.43 14.16 -5.35
CA SER A 47 5.71 13.77 -3.98
C SER A 47 5.60 12.26 -3.78
N THR A 48 6.55 11.69 -3.05
CA THR A 48 6.55 10.25 -2.77
C THR A 48 6.89 10.06 -1.30
N GLY A 49 6.10 9.23 -0.62
CA GLY A 49 6.35 8.97 0.79
C GLY A 49 5.98 7.55 1.17
N ARG A 50 6.74 6.97 2.08
CA ARG A 50 6.47 5.60 2.53
C ARG A 50 6.63 5.50 4.04
N THR A 51 6.03 4.47 4.60
CA THR A 51 6.11 4.21 6.03
C THR A 51 6.25 2.70 6.18
N LEU A 52 7.34 2.26 6.80
CA LEU A 52 7.59 0.85 7.01
C LEU A 52 7.59 0.53 8.50
N TYR A 53 7.09 -0.66 8.85
CA TYR A 53 7.13 -1.07 10.25
C TYR A 53 8.61 -1.29 10.55
N ALA A 54 9.04 -0.90 11.75
CA ALA A 54 10.45 -0.98 12.14
C ALA A 54 11.09 -2.36 12.33
N LYS A 55 10.28 -3.41 12.34
CA LYS A 55 10.81 -4.77 12.50
C LYS A 55 10.49 -5.60 11.26
N PRO A 56 11.44 -6.43 10.81
CA PRO A 56 11.19 -7.28 9.64
C PRO A 56 10.27 -8.43 10.05
N VAL A 57 9.50 -8.94 9.10
CA VAL A 57 8.57 -10.03 9.38
C VAL A 57 9.01 -11.31 8.70
N HIS A 58 8.97 -12.42 9.45
CA HIS A 58 9.36 -13.73 8.93
C HIS A 58 8.14 -14.29 8.21
N ILE A 59 8.15 -14.22 6.88
CA ILE A 59 7.02 -14.68 6.08
C ILE A 59 7.05 -16.16 5.68
N TRP A 60 8.25 -16.71 5.51
CA TRP A 60 8.38 -18.13 5.19
C TRP A 60 9.77 -18.66 5.53
N ASP A 61 9.86 -19.98 5.70
CA ASP A 61 11.12 -20.63 6.04
C ASP A 61 11.50 -21.65 4.98
N MET A 62 12.68 -21.48 4.39
CA MET A 62 13.18 -22.36 3.36
C MET A 62 13.49 -23.77 3.85
N THR A 63 13.95 -23.88 5.09
CA THR A 63 14.31 -25.16 5.68
C THR A 63 13.10 -26.10 5.85
N THR A 64 12.03 -25.59 6.44
CA THR A 64 10.82 -26.38 6.66
C THR A 64 9.79 -26.24 5.53
N GLY A 65 9.90 -25.16 4.77
CA GLY A 65 8.98 -24.93 3.68
C GLY A 65 7.64 -24.36 4.12
N THR A 66 7.55 -23.97 5.39
CA THR A 66 6.32 -23.40 5.94
C THR A 66 6.19 -21.93 5.57
N VAL A 67 4.94 -21.49 5.38
CA VAL A 67 4.68 -20.10 5.04
C VAL A 67 3.63 -19.49 5.98
N ALA A 68 3.82 -18.23 6.32
CA ALA A 68 2.94 -17.52 7.22
C ALA A 68 1.63 -17.02 6.60
N SER A 69 0.60 -17.00 7.42
CA SER A 69 -0.70 -16.46 7.01
C SER A 69 -0.66 -15.08 7.66
N PHE A 70 -1.28 -14.09 7.04
CA PHE A 70 -1.26 -12.76 7.61
C PHE A 70 -2.51 -11.97 7.27
N GLU A 71 -2.71 -10.88 8.02
CA GLU A 71 -3.86 -10.03 7.79
C GLU A 71 -3.49 -8.61 8.18
N THR A 72 -3.90 -7.66 7.36
CA THR A 72 -3.63 -6.26 7.65
C THR A 72 -4.91 -5.47 7.42
N ARG A 73 -5.12 -4.46 8.25
CA ARG A 73 -6.29 -3.60 8.13
C ARG A 73 -5.84 -2.16 8.28
N PHE A 74 -6.36 -1.28 7.44
CA PHE A 74 -6.04 0.13 7.53
C PHE A 74 -7.16 0.98 6.96
N SER A 75 -7.19 2.24 7.37
CA SER A 75 -8.20 3.18 6.91
C SER A 75 -7.46 4.36 6.28
N PHE A 76 -7.97 4.82 5.14
CA PHE A 76 -7.34 5.93 4.44
C PHE A 76 -8.39 6.79 3.75
N SER A 77 -7.96 7.96 3.28
CA SER A 77 -8.83 8.85 2.54
C SER A 77 -8.01 9.52 1.46
N ILE A 78 -8.63 9.69 0.30
CA ILE A 78 -8.00 10.36 -0.82
C ILE A 78 -8.93 11.49 -1.22
N GLU A 79 -8.40 12.70 -1.26
CA GLU A 79 -9.15 13.89 -1.66
C GLU A 79 -8.51 14.41 -2.94
N GLN A 80 -9.34 14.62 -3.95
CA GLN A 80 -8.89 15.12 -5.27
C GLN A 80 -9.57 16.48 -5.43
N PRO A 81 -8.84 17.57 -5.16
CA PRO A 81 -9.32 18.96 -5.26
C PRO A 81 -9.53 19.61 -6.62
N TYR A 82 -8.87 19.09 -7.66
CA TYR A 82 -9.00 19.69 -8.99
C TYR A 82 -9.66 18.80 -10.04
N THR A 83 -10.32 19.44 -11.00
CA THR A 83 -10.97 18.72 -12.10
C THR A 83 -9.91 18.47 -13.19
N ARG A 84 -8.99 19.41 -13.32
CA ARG A 84 -7.91 19.32 -14.31
C ARG A 84 -6.62 19.81 -13.63
N PRO A 85 -5.50 19.11 -13.85
CA PRO A 85 -5.37 17.91 -14.68
C PRO A 85 -5.88 16.71 -13.88
N LEU A 86 -5.85 15.53 -14.48
CA LEU A 86 -6.31 14.31 -13.80
C LEU A 86 -5.45 14.03 -12.57
N PRO A 87 -6.09 13.68 -11.44
CA PRO A 87 -5.34 13.39 -10.20
C PRO A 87 -4.48 12.12 -10.35
N ALA A 88 -3.49 11.98 -9.49
CA ALA A 88 -2.56 10.84 -9.53
C ALA A 88 -1.78 10.83 -8.22
N ASP A 89 -1.13 9.71 -7.85
CA ASP A 89 -1.09 8.46 -8.61
C ASP A 89 -1.71 7.29 -7.82
N GLY A 90 -1.69 7.38 -6.49
CA GLY A 90 -2.28 6.34 -5.67
C GLY A 90 -1.43 5.93 -4.47
N LEU A 91 -1.89 4.90 -3.77
CA LEU A 91 -1.18 4.38 -2.61
C LEU A 91 -1.15 2.86 -2.69
N VAL A 92 -0.28 2.24 -1.92
CA VAL A 92 -0.17 0.79 -1.97
C VAL A 92 0.39 0.18 -0.68
N PHE A 93 -0.15 -0.98 -0.32
CA PHE A 93 0.35 -1.72 0.83
C PHE A 93 1.31 -2.70 0.19
N PHE A 94 2.52 -2.83 0.73
CA PHE A 94 3.48 -3.74 0.12
C PHE A 94 4.37 -4.49 1.10
N MET A 95 4.97 -5.55 0.58
CA MET A 95 5.91 -6.40 1.32
C MET A 95 7.05 -6.63 0.33
N GLY A 96 8.28 -6.46 0.79
CA GLY A 96 9.43 -6.65 -0.07
C GLY A 96 10.69 -6.87 0.75
N PRO A 97 11.87 -6.87 0.09
CA PRO A 97 13.15 -7.07 0.78
C PRO A 97 13.37 -6.06 1.91
N THR A 98 14.03 -6.51 2.96
CA THR A 98 14.31 -5.66 4.12
C THR A 98 15.32 -4.56 3.78
N LYS A 99 15.28 -3.48 4.55
CA LYS A 99 16.19 -2.34 4.38
C LYS A 99 16.04 -1.62 3.03
N SER A 100 14.86 -1.65 2.44
CA SER A 100 14.67 -1.00 1.15
C SER A 100 14.39 0.49 1.27
N LYS A 101 14.75 1.23 0.24
CA LYS A 101 14.55 2.66 0.15
C LYS A 101 13.53 2.91 -0.95
N PRO A 102 12.97 4.13 -1.01
CA PRO A 102 11.98 4.44 -2.05
C PRO A 102 12.51 4.21 -3.46
N ALA A 103 11.66 3.65 -4.31
CA ALA A 103 12.02 3.42 -5.71
C ALA A 103 11.46 4.61 -6.49
N GLN A 104 11.07 4.42 -7.74
CA GLN A 104 10.52 5.50 -8.54
C GLN A 104 9.11 5.87 -8.09
N GLY A 105 8.79 7.16 -8.15
CA GLY A 105 7.48 7.63 -7.76
C GLY A 105 6.49 7.56 -8.90
N TYR A 106 5.56 8.52 -8.91
CA TYR A 106 4.52 8.61 -9.94
C TYR A 106 3.76 7.29 -10.07
N GLY A 107 3.53 6.84 -11.30
CA GLY A 107 2.80 5.60 -11.53
C GLY A 107 3.43 4.35 -10.95
N TYR A 108 4.69 4.43 -10.56
CA TYR A 108 5.39 3.28 -9.98
C TYR A 108 5.13 3.16 -8.49
N LEU A 109 4.43 4.17 -7.95
CA LEU A 109 4.02 4.22 -6.55
C LEU A 109 5.08 4.11 -5.46
N GLY A 110 6.34 4.36 -5.83
CA GLY A 110 7.42 4.29 -4.85
C GLY A 110 7.97 2.91 -4.58
N ILE A 111 7.52 1.90 -5.31
CA ILE A 111 7.99 0.53 -5.07
C ILE A 111 8.57 -0.19 -6.28
N PHE A 112 8.42 0.40 -7.48
CA PHE A 112 8.97 -0.20 -8.70
C PHE A 112 9.81 0.83 -9.45
N ASN A 113 10.68 0.37 -10.34
CA ASN A 113 11.56 1.25 -11.11
C ASN A 113 11.18 1.36 -12.58
N ASN A 114 10.37 0.41 -13.06
CA ASN A 114 9.92 0.37 -14.44
C ASN A 114 8.64 -0.44 -14.50
N SER A 115 8.18 -0.77 -15.71
CA SER A 115 6.94 -1.53 -15.89
C SER A 115 7.17 -3.00 -16.25
N LYS A 116 8.36 -3.52 -15.96
CA LYS A 116 8.68 -4.91 -16.28
C LYS A 116 8.30 -5.88 -15.14
N GLN A 117 8.08 -7.14 -15.50
CA GLN A 117 7.78 -8.19 -14.53
C GLN A 117 9.16 -8.77 -14.24
N ASP A 118 9.76 -8.31 -13.15
CA ASP A 118 11.11 -8.73 -12.80
C ASP A 118 11.15 -9.44 -11.45
N ASN A 119 11.60 -10.70 -11.46
CA ASN A 119 11.69 -11.48 -10.24
C ASN A 119 12.59 -10.86 -9.18
N SER A 120 13.52 -9.98 -9.59
CA SER A 120 14.44 -9.35 -8.65
C SER A 120 13.76 -8.33 -7.73
N TYR A 121 12.55 -7.90 -8.08
CA TYR A 121 11.82 -6.96 -7.22
C TYR A 121 11.47 -7.60 -5.89
N GLN A 122 11.09 -8.88 -5.95
CA GLN A 122 10.71 -9.65 -4.75
C GLN A 122 9.68 -8.87 -3.95
N THR A 123 8.68 -8.33 -4.65
CA THR A 123 7.67 -7.50 -4.02
C THR A 123 6.24 -7.90 -4.35
N LEU A 124 5.41 -7.87 -3.30
CA LEU A 124 3.98 -8.17 -3.41
C LEU A 124 3.28 -6.88 -2.94
N GLY A 125 2.27 -6.44 -3.68
CA GLY A 125 1.57 -5.24 -3.27
C GLY A 125 0.09 -5.22 -3.64
N VAL A 126 -0.69 -4.50 -2.85
CA VAL A 126 -2.12 -4.32 -3.12
C VAL A 126 -2.26 -2.83 -3.28
N GLU A 127 -2.47 -2.40 -4.52
CA GLU A 127 -2.57 -0.99 -4.83
C GLU A 127 -3.98 -0.45 -4.95
N PHE A 128 -4.09 0.86 -4.77
CA PHE A 128 -5.32 1.63 -4.89
C PHE A 128 -4.85 2.73 -5.81
N ASP A 129 -4.96 2.43 -7.08
CA ASP A 129 -4.49 3.24 -8.19
C ASP A 129 -5.51 4.25 -8.73
N THR A 130 -5.10 5.52 -8.77
CA THR A 130 -5.98 6.59 -9.20
C THR A 130 -5.71 7.18 -10.60
N PHE A 131 -4.64 6.75 -11.26
CA PHE A 131 -4.32 7.27 -12.58
C PHE A 131 -4.06 6.12 -13.56
N SER A 132 -4.65 6.20 -14.75
CA SER A 132 -4.47 5.14 -15.73
C SER A 132 -3.23 5.30 -16.60
N ASN A 133 -2.19 4.53 -16.30
CA ASN A 133 -0.94 4.54 -17.06
C ASN A 133 -1.11 3.60 -18.26
N PRO A 134 -0.12 3.53 -19.17
CA PRO A 134 -0.27 2.63 -20.32
C PRO A 134 -0.40 1.15 -19.98
N TRP A 135 0.06 0.75 -18.81
CA TRP A 135 -0.01 -0.65 -18.36
C TRP A 135 -1.27 -0.94 -17.55
N ASP A 136 -2.08 0.09 -17.32
CA ASP A 136 -3.31 -0.01 -16.54
C ASP A 136 -4.57 -0.21 -17.35
N PRO A 137 -5.62 -0.74 -16.70
CA PRO A 137 -6.88 -0.93 -17.40
C PRO A 137 -7.41 0.52 -17.47
N PRO A 138 -8.33 0.81 -18.40
CA PRO A 138 -8.84 2.19 -18.49
C PRO A 138 -9.61 2.72 -17.28
N GLN A 139 -10.16 1.84 -16.46
CA GLN A 139 -10.93 2.27 -15.30
C GLN A 139 -10.10 2.61 -14.07
N VAL A 140 -10.31 3.81 -13.55
CA VAL A 140 -9.64 4.29 -12.34
C VAL A 140 -10.70 5.02 -11.50
N PRO A 141 -10.60 4.92 -10.16
CA PRO A 141 -9.55 4.14 -9.51
C PRO A 141 -9.83 2.65 -9.52
N HIS A 142 -8.80 1.87 -9.20
CA HIS A 142 -8.95 0.42 -9.15
C HIS A 142 -8.02 -0.18 -8.12
N ILE A 143 -8.45 -1.31 -7.57
CA ILE A 143 -7.64 -2.05 -6.62
C ILE A 143 -6.87 -3.01 -7.52
N GLY A 144 -5.61 -3.27 -7.18
CA GLY A 144 -4.85 -4.19 -8.00
C GLY A 144 -3.89 -5.02 -7.17
N ILE A 145 -3.69 -6.26 -7.58
CA ILE A 145 -2.75 -7.15 -6.89
C ILE A 145 -1.49 -7.18 -7.77
N ASP A 146 -0.40 -6.67 -7.22
CA ASP A 146 0.88 -6.57 -7.93
C ASP A 146 1.88 -7.62 -7.46
N VAL A 147 2.35 -8.44 -8.39
CA VAL A 147 3.31 -9.49 -8.08
C VAL A 147 4.55 -9.26 -8.93
N ASN A 148 5.59 -8.69 -8.32
CA ASN A 148 6.86 -8.39 -8.99
C ASN A 148 6.70 -7.47 -10.19
N SER A 149 5.62 -6.69 -10.22
CA SER A 149 5.37 -5.76 -11.32
C SER A 149 4.22 -4.81 -11.02
N ILE A 150 4.30 -3.63 -11.63
CA ILE A 150 3.26 -2.61 -11.48
C ILE A 150 2.07 -3.03 -12.37
N ARG A 151 2.31 -3.97 -13.28
CA ARG A 151 1.26 -4.50 -14.14
C ARG A 151 0.55 -5.58 -13.33
N SER A 152 -0.58 -5.20 -12.71
CA SER A 152 -1.33 -6.11 -11.85
C SER A 152 -1.80 -7.41 -12.49
N ILE A 153 -1.80 -8.48 -11.71
CA ILE A 153 -2.26 -9.77 -12.20
C ILE A 153 -3.79 -9.82 -12.11
N LYS A 154 -4.36 -8.88 -11.36
CA LYS A 154 -5.82 -8.81 -11.17
C LYS A 154 -6.19 -7.40 -10.72
N THR A 155 -7.26 -6.86 -11.28
CA THR A 155 -7.71 -5.52 -10.90
C THR A 155 -9.22 -5.50 -10.67
N GLN A 156 -9.67 -4.55 -9.86
CA GLN A 156 -11.09 -4.38 -9.56
C GLN A 156 -11.40 -2.90 -9.45
N PRO A 157 -12.17 -2.37 -10.42
CA PRO A 157 -12.53 -0.94 -10.40
C PRO A 157 -13.39 -0.60 -9.19
N PHE A 158 -13.23 0.62 -8.69
CA PHE A 158 -14.06 1.09 -7.58
C PHE A 158 -14.31 2.58 -7.73
N GLN A 159 -15.41 3.05 -7.17
CA GLN A 159 -15.77 4.45 -7.24
C GLN A 159 -15.24 5.18 -6.01
N LEU A 160 -14.47 6.22 -6.24
CA LEU A 160 -13.90 6.98 -5.13
C LEU A 160 -14.96 7.88 -4.49
N ASP A 161 -15.04 7.82 -3.17
CA ASP A 161 -15.95 8.69 -2.44
C ASP A 161 -14.97 9.74 -1.94
N ASN A 162 -14.87 10.82 -2.71
CA ASN A 162 -13.93 11.92 -2.46
C ASN A 162 -13.85 12.41 -1.02
N GLY A 163 -12.65 12.25 -0.43
CA GLY A 163 -12.41 12.70 0.93
C GLY A 163 -12.99 11.86 2.05
N GLN A 164 -13.72 10.81 1.71
CA GLN A 164 -14.32 9.94 2.74
C GLN A 164 -13.34 8.85 3.16
N VAL A 165 -13.51 8.36 4.38
CA VAL A 165 -12.64 7.31 4.90
C VAL A 165 -13.04 5.93 4.37
N ALA A 166 -12.04 5.21 3.87
CA ALA A 166 -12.25 3.87 3.36
C ALA A 166 -11.56 2.88 4.29
N ASN A 167 -12.20 1.73 4.52
CA ASN A 167 -11.64 0.70 5.38
C ASN A 167 -11.17 -0.44 4.49
N VAL A 168 -9.95 -0.92 4.72
CA VAL A 168 -9.38 -1.98 3.94
C VAL A 168 -9.00 -3.18 4.80
N VAL A 169 -9.27 -4.38 4.29
CA VAL A 169 -8.89 -5.62 4.96
C VAL A 169 -8.21 -6.47 3.90
N ILE A 170 -6.99 -6.92 4.19
CA ILE A 170 -6.24 -7.76 3.28
C ILE A 170 -5.84 -9.00 4.07
N LYS A 171 -6.20 -10.17 3.57
CA LYS A 171 -5.89 -11.41 4.26
C LYS A 171 -5.23 -12.41 3.34
N TYR A 172 -4.24 -13.13 3.86
CA TYR A 172 -3.54 -14.15 3.09
C TYR A 172 -3.60 -15.46 3.86
N ASP A 173 -4.20 -16.47 3.25
CA ASP A 173 -4.30 -17.79 3.87
C ASP A 173 -3.26 -18.68 3.20
N ALA A 174 -2.22 -19.02 3.95
CA ALA A 174 -1.12 -19.84 3.44
C ALA A 174 -1.52 -21.22 2.93
N SER A 175 -2.51 -21.85 3.56
CA SER A 175 -2.94 -23.18 3.14
C SER A 175 -3.51 -23.20 1.72
N SER A 176 -4.36 -22.23 1.40
CA SER A 176 -4.98 -22.15 0.08
C SER A 176 -4.22 -21.24 -0.88
N LYS A 177 -3.30 -20.44 -0.34
CA LYS A 177 -2.50 -19.49 -1.12
C LYS A 177 -3.35 -18.37 -1.70
N ILE A 178 -4.49 -18.09 -1.06
CA ILE A 178 -5.37 -17.03 -1.52
C ILE A 178 -5.12 -15.69 -0.82
N LEU A 179 -4.96 -14.65 -1.62
CA LEU A 179 -4.80 -13.30 -1.09
C LEU A 179 -6.15 -12.64 -1.39
N HIS A 180 -6.89 -12.32 -0.34
CA HIS A 180 -8.18 -11.68 -0.53
C HIS A 180 -8.25 -10.31 0.13
N ALA A 181 -8.72 -9.32 -0.63
CA ALA A 181 -8.81 -7.95 -0.14
C ALA A 181 -10.21 -7.39 -0.28
N VAL A 182 -10.58 -6.54 0.66
CA VAL A 182 -11.89 -5.91 0.68
C VAL A 182 -11.74 -4.42 0.98
N LEU A 183 -12.52 -3.61 0.29
CA LEU A 183 -12.53 -2.16 0.50
C LEU A 183 -13.98 -1.81 0.77
N VAL A 184 -14.20 -1.08 1.86
CA VAL A 184 -15.55 -0.66 2.25
C VAL A 184 -15.56 0.84 2.56
N TYR A 185 -16.58 1.52 2.07
CA TYR A 185 -16.78 2.94 2.33
C TYR A 185 -18.02 3.05 3.21
N PRO A 186 -17.83 3.29 4.52
CA PRO A 186 -18.95 3.42 5.46
C PRO A 186 -19.93 4.53 5.07
N SER A 187 -19.40 5.58 4.44
CA SER A 187 -20.21 6.72 4.02
C SER A 187 -21.31 6.38 3.03
N SER A 188 -21.02 5.46 2.10
CA SER A 188 -21.99 5.06 1.09
C SER A 188 -22.43 3.61 1.22
N GLY A 189 -21.69 2.83 2.01
CA GLY A 189 -22.02 1.42 2.18
C GLY A 189 -21.46 0.54 1.07
N ALA A 190 -20.69 1.13 0.16
CA ALA A 190 -20.11 0.41 -0.96
C ALA A 190 -19.09 -0.64 -0.49
N ILE A 191 -19.13 -1.82 -1.11
CA ILE A 191 -18.23 -2.91 -0.77
C ILE A 191 -17.59 -3.47 -2.04
N TYR A 192 -16.26 -3.56 -2.04
CA TYR A 192 -15.53 -4.09 -3.19
C TYR A 192 -14.66 -5.24 -2.71
N THR A 193 -14.60 -6.29 -3.51
CA THR A 193 -13.82 -7.47 -3.14
C THR A 193 -12.95 -7.93 -4.31
N ILE A 194 -11.76 -8.44 -3.99
CA ILE A 194 -10.84 -8.92 -5.02
C ILE A 194 -10.00 -10.03 -4.40
N ALA A 195 -9.76 -11.08 -5.18
CA ALA A 195 -8.96 -12.21 -4.69
C ALA A 195 -8.20 -12.89 -5.81
N GLU A 196 -7.06 -13.47 -5.47
CA GLU A 196 -6.24 -14.17 -6.44
C GLU A 196 -5.27 -15.10 -5.72
N ILE A 197 -4.82 -16.12 -6.44
CA ILE A 197 -3.88 -17.08 -5.90
C ILE A 197 -2.47 -16.51 -6.02
N VAL A 198 -1.75 -16.49 -4.91
CA VAL A 198 -0.38 -15.98 -4.89
C VAL A 198 0.46 -16.86 -3.97
N ASP A 199 1.45 -17.54 -4.53
CA ASP A 199 2.35 -18.38 -3.73
C ASP A 199 3.52 -17.47 -3.35
N VAL A 200 3.48 -16.96 -2.12
CA VAL A 200 4.53 -16.05 -1.64
C VAL A 200 5.96 -16.59 -1.68
N LYS A 201 6.11 -17.91 -1.61
CA LYS A 201 7.44 -18.52 -1.65
C LYS A 201 8.13 -18.33 -3.00
N GLN A 202 7.34 -18.04 -4.04
CA GLN A 202 7.89 -17.83 -5.38
C GLN A 202 8.13 -16.35 -5.66
N VAL A 203 7.76 -15.50 -4.70
CA VAL A 203 7.89 -14.06 -4.88
C VAL A 203 8.78 -13.37 -3.85
N LEU A 204 8.45 -13.56 -2.59
CA LEU A 204 9.16 -12.91 -1.49
C LEU A 204 10.30 -13.66 -0.84
N PRO A 205 11.23 -12.91 -0.23
CA PRO A 205 12.37 -13.54 0.45
C PRO A 205 11.80 -13.99 1.80
N GLU A 206 12.56 -14.75 2.57
CA GLU A 206 12.09 -15.26 3.86
C GLU A 206 11.70 -14.20 4.88
N TRP A 207 12.44 -13.10 4.89
CA TRP A 207 12.18 -11.99 5.78
C TRP A 207 11.85 -10.77 4.94
N VAL A 208 10.79 -10.04 5.31
CA VAL A 208 10.39 -8.87 4.55
C VAL A 208 10.04 -7.68 5.43
N ASP A 209 10.02 -6.50 4.83
CA ASP A 209 9.59 -5.29 5.51
C ASP A 209 8.19 -5.09 4.99
N VAL A 210 7.28 -4.61 5.84
CA VAL A 210 5.91 -4.36 5.43
C VAL A 210 5.66 -2.86 5.51
N GLY A 211 4.96 -2.30 4.53
CA GLY A 211 4.72 -0.88 4.55
C GLY A 211 3.64 -0.36 3.64
N LEU A 212 3.51 0.97 3.66
CA LEU A 212 2.54 1.69 2.85
C LEU A 212 3.34 2.74 2.11
N SER A 213 2.96 2.98 0.86
CA SER A 213 3.65 3.95 0.03
C SER A 213 2.60 4.70 -0.77
N GLY A 214 2.86 5.99 -1.01
CA GLY A 214 1.93 6.80 -1.77
C GLY A 214 2.70 7.72 -2.69
N ALA A 215 2.07 8.18 -3.76
CA ALA A 215 2.75 9.07 -4.70
C ALA A 215 1.79 9.95 -5.46
N THR A 216 2.23 11.19 -5.72
CA THR A 216 1.45 12.14 -6.51
C THR A 216 2.10 12.24 -7.88
N GLY A 217 1.39 12.88 -8.82
CA GLY A 217 1.83 12.99 -10.21
C GLY A 217 3.08 13.71 -10.68
N ALA A 218 3.42 13.46 -11.93
CA ALA A 218 4.60 14.02 -12.59
C ALA A 218 4.41 15.42 -13.19
N GLN A 219 3.19 15.93 -13.20
CA GLN A 219 2.95 17.28 -13.72
C GLN A 219 2.23 18.13 -12.68
N ARG A 220 2.36 19.45 -12.83
CA ARG A 220 1.77 20.42 -11.92
C ARG A 220 0.31 20.16 -11.58
N ASP A 221 0.04 20.05 -10.29
CA ASP A 221 -1.30 19.82 -9.76
C ASP A 221 -1.97 18.48 -10.03
N ALA A 222 -1.22 17.53 -10.59
CA ALA A 222 -1.75 16.18 -10.83
C ALA A 222 -1.46 15.55 -9.47
N ALA A 223 -2.33 15.84 -8.51
CA ALA A 223 -2.13 15.37 -7.15
C ALA A 223 -3.42 15.13 -6.39
N GLU A 224 -3.25 14.54 -5.22
CA GLU A 224 -4.35 14.21 -4.32
C GLU A 224 -3.71 13.87 -2.99
N THR A 225 -4.51 13.79 -1.94
CA THR A 225 -3.98 13.43 -0.62
C THR A 225 -3.95 11.90 -0.53
N HIS A 226 -3.14 11.38 0.39
CA HIS A 226 -3.04 9.95 0.67
C HIS A 226 -2.84 9.87 2.18
N ASP A 227 -3.92 10.08 2.91
CA ASP A 227 -3.88 10.07 4.37
C ASP A 227 -4.32 8.74 4.97
N VAL A 228 -3.56 8.26 5.95
CA VAL A 228 -3.84 7.00 6.64
C VAL A 228 -4.15 7.32 8.10
N TYR A 229 -5.25 6.77 8.61
CA TYR A 229 -5.69 7.02 9.98
C TYR A 229 -5.39 5.92 10.99
N SER A 230 -5.28 4.68 10.51
CA SER A 230 -4.99 3.54 11.39
C SER A 230 -4.38 2.43 10.56
N TRP A 231 -3.67 1.53 11.23
CA TRP A 231 -3.01 0.42 10.55
C TRP A 231 -2.67 -0.68 11.56
N SER A 232 -3.16 -1.89 11.29
CA SER A 232 -2.88 -3.04 12.14
C SER A 232 -2.38 -4.18 11.25
N PHE A 233 -1.58 -5.07 11.83
CA PHE A 233 -1.03 -6.19 11.08
C PHE A 233 -0.70 -7.34 12.02
N GLN A 234 -0.92 -8.56 11.53
CA GLN A 234 -0.60 -9.76 12.30
C GLN A 234 -0.17 -10.86 11.33
N ALA A 235 0.87 -11.60 11.70
CA ALA A 235 1.35 -12.70 10.87
C ALA A 235 1.73 -13.85 11.79
N SER A 236 1.44 -15.07 11.35
CA SER A 236 1.76 -16.26 12.13
C SER A 236 2.41 -17.31 11.25
N LEU A 237 3.64 -17.67 11.59
CA LEU A 237 4.41 -18.65 10.84
C LEU A 237 4.43 -19.97 11.61
N PRO A 238 3.75 -21.01 11.09
CA PRO A 238 3.70 -22.32 11.76
C PRO A 238 5.08 -22.99 11.67
N GLU A 239 5.55 -23.51 12.79
CA GLU A 239 6.86 -24.17 12.82
C GLU A 239 6.73 -25.59 13.36
C1 NAG B . 6.85 0.46 20.05
C2 NAG B . 6.91 -1.06 20.08
C3 NAG B . 7.26 -1.54 21.49
C4 NAG B . 8.53 -0.85 22.00
C5 NAG B . 8.37 0.67 21.86
C6 NAG B . 9.61 1.45 22.27
C7 NAG B . 5.47 -2.22 18.51
C8 NAG B . 4.09 -2.76 18.19
N2 NAG B . 5.62 -1.61 19.69
O3 NAG B . 7.49 -2.97 21.48
O4 NAG B . 8.73 -1.17 23.39
O5 NAG B . 8.10 1.00 20.49
O6 NAG B . 10.77 0.93 21.63
O7 NAG B . 6.39 -2.36 17.70
C1 NAG B . 10.00 -1.59 23.74
C2 NAG B . 10.13 -1.59 25.26
C3 NAG B . 11.48 -2.14 25.70
C4 NAG B . 11.82 -3.46 24.99
C5 NAG B . 11.52 -3.39 23.49
C6 NAG B . 11.63 -4.76 22.83
C7 NAG B . 8.96 0.10 26.54
C8 NAG B . 8.90 1.53 27.02
N2 NAG B . 9.99 -0.22 25.76
O3 NAG B . 11.45 -2.37 27.11
O4 NAG B . 13.23 -3.73 25.16
O5 NAG B . 10.18 -2.92 23.26
O6 NAG B . 12.16 -4.66 21.52
O7 NAG B . 8.08 -0.70 26.86
C1 BMA B . 13.64 -4.41 26.29
C2 BMA B . 15.01 -5.01 26.07
C3 BMA B . 15.44 -5.76 27.32
C4 BMA B . 15.44 -4.80 28.50
C5 BMA B . 14.09 -4.08 28.63
C6 BMA B . 14.20 -2.96 29.65
O2 BMA B . 15.96 -3.95 25.80
O3 BMA B . 16.75 -6.31 27.16
O4 BMA B . 15.70 -5.51 29.71
O5 BMA B . 13.71 -3.47 27.38
O6 BMA B . 13.00 -2.15 29.60
C1 XYP B . 16.19 -3.63 24.48
C2 XYP B . 16.71 -2.20 24.39
C3 XYP B . 17.09 -1.86 22.95
C4 XYP B . 18.08 -2.91 22.42
C5 XYP B . 17.48 -4.30 22.58
O2 XYP B . 15.72 -1.29 24.84
O3 XYP B . 17.69 -0.58 22.89
O4 XYP B . 18.34 -2.66 21.05
O5 XYP B . 17.16 -4.55 23.97
C1 MAN B . 16.82 -7.70 27.05
C2 MAN B . 18.21 -8.17 27.44
C3 MAN B . 19.25 -7.69 26.42
C4 MAN B . 18.83 -8.07 24.99
C5 MAN B . 17.40 -7.62 24.72
C6 MAN B . 16.90 -8.11 23.38
O2 MAN B . 18.23 -9.59 27.53
O3 MAN B . 20.50 -8.29 26.71
O4 MAN B . 19.72 -7.46 24.07
O5 MAN B . 16.51 -8.14 25.73
O6 MAN B . 15.63 -7.55 23.07
C1 MAN B . 11.98 -2.71 30.37
C2 MAN B . 10.80 -1.76 30.40
C3 MAN B . 11.20 -0.48 31.13
C4 MAN B . 11.72 -0.81 32.52
C5 MAN B . 12.85 -1.84 32.43
C6 MAN B . 13.32 -2.33 33.79
O2 MAN B . 9.71 -2.37 31.08
O3 MAN B . 10.08 0.39 31.23
O4 MAN B . 12.19 0.35 33.15
O5 MAN B . 12.40 -3.00 31.69
O6 MAN B . 14.39 -3.27 33.65
C1 FUC B . 6.37 -3.75 21.84
C2 FUC B . 6.55 -5.17 21.30
C3 FUC B . 7.71 -5.85 22.01
C4 FUC B . 7.49 -5.83 23.51
C5 FUC B . 7.27 -4.39 23.98
C6 FUC B . 6.91 -4.31 25.45
O2 FUC B . 6.78 -5.11 19.90
O3 FUC B . 7.82 -7.19 21.55
O4 FUC B . 6.37 -6.62 23.84
O5 FUC B . 6.17 -3.79 23.25
O5 A2G C . 2.23 11.89 -15.35
C1 A2G C . 2.88 10.81 -16.03
O1 A2G C . 2.06 10.42 -17.08
C2 A2G C . 3.09 9.63 -15.08
N2 A2G C . 3.62 8.50 -15.84
C3 A2G C . 1.77 9.21 -14.41
O3 A2G C . 2.03 8.21 -13.43
C4 A2G C . 1.13 10.43 -13.76
O4 A2G C . 1.96 10.90 -12.71
C5 A2G C . 0.94 11.51 -14.81
C6 A2G C . 0.31 12.77 -14.25
O6 A2G C . -0.10 13.65 -15.29
C7 A2G C . 4.76 7.93 -15.47
O7 A2G C . 5.42 8.29 -14.51
C8 A2G C . 5.23 6.75 -16.32
MN MN D . -2.83 -0.09 -11.69
CA CA E . -1.54 3.89 -12.36
#